data_6RMQ
#
_entry.id   6RMQ
#
_cell.length_a   34.450
_cell.length_b   76.980
_cell.length_c   131.250
_cell.angle_alpha   90.00
_cell.angle_beta   90.00
_cell.angle_gamma   90.00
#
_symmetry.space_group_name_H-M   'P 21 2 21'
#
loop_
_entity.id
_entity.type
_entity.pdbx_description
1 polymer 'HTH-type transcriptional regulator DdrOC'
2 water water
#
_entity_poly.entity_id   1
_entity_poly.type   'polypeptide(L)'
_entity_poly.pdbx_seq_one_letter_code
;(MSE)KLHERLRELRSERGLRLKDVAEVAQISVPYLSDLERGRTNPSLETLQTLAGAYNITVHDLLEGVEFYG(MSE)ST
EGALPKGLSDL(MSE)ADPTLGPQITPDWVRTLSRIELRGKRPRDKQDWYEIYLHLKRILS
;
_entity_poly.pdbx_strand_id   A,B
#
# COMPACT_ATOMS: atom_id res chain seq x y z
N LYS A 2 1.00 2.31 14.73
CA LYS A 2 0.82 3.17 13.50
C LYS A 2 -0.39 2.94 12.60
N LEU A 3 -0.73 1.69 12.25
CA LEU A 3 -1.90 1.49 11.37
C LEU A 3 -3.16 2.16 11.93
N HIS A 4 -3.54 1.85 13.18
CA HIS A 4 -4.68 2.49 13.82
C HIS A 4 -4.60 4.01 13.85
N GLU A 5 -3.40 4.55 14.01
CA GLU A 5 -3.24 5.99 14.03
C GLU A 5 -3.57 6.57 12.69
N ARG A 6 -3.28 5.82 11.64
CA ARG A 6 -3.60 6.22 10.29
C ARG A 6 -5.12 6.19 10.04
N LEU A 7 -5.80 5.21 10.61
CA LEU A 7 -7.22 5.13 10.40
C LEU A 7 -7.99 6.26 11.08
N ARG A 8 -7.46 6.77 12.18
CA ARG A 8 -7.98 7.97 12.84
C ARG A 8 -7.56 9.21 12.07
N GLU A 9 -6.28 9.31 11.69
CA GLU A 9 -5.79 10.40 10.85
C GLU A 9 -6.68 10.60 9.59
N LEU A 10 -6.94 9.51 8.85
CA LEU A 10 -7.82 9.51 7.67
C LEU A 10 -9.21 10.04 7.99
N ARG A 11 -9.87 9.44 8.99
CA ARG A 11 -11.17 9.93 9.41
C ARG A 11 -11.13 11.40 9.80
N SER A 12 -10.17 11.75 10.66
CA SER A 12 -10.18 13.02 11.35
C SER A 12 -9.92 14.22 10.45
N GLU A 13 -9.00 14.10 9.52
CA GLU A 13 -8.67 15.21 8.60
C GLU A 13 -9.81 15.59 7.63
N ARG A 14 -10.75 14.66 7.41
CA ARG A 14 -12.02 14.90 6.70
C ARG A 14 -13.13 15.34 7.62
N GLY A 15 -12.82 15.55 8.90
CA GLY A 15 -13.79 16.02 9.90
C GLY A 15 -15.07 15.23 9.99
N LEU A 16 -14.94 13.92 9.71
CA LEU A 16 -16.02 12.97 9.83
C LEU A 16 -16.12 12.41 11.24
N ARG A 17 -17.34 12.37 11.76
CA ARG A 17 -17.64 11.63 12.98
C ARG A 17 -17.80 10.14 12.62
N LEU A 18 -17.47 9.25 13.58
CA LEU A 18 -17.50 7.79 13.37
C LEU A 18 -18.77 7.29 12.62
N LYS A 19 -19.92 7.78 13.10
CA LYS A 19 -21.27 7.49 12.61
C LYS A 19 -21.47 7.82 11.15
N ASP A 20 -20.68 8.74 10.62
CA ASP A 20 -20.75 9.05 9.19
C ASP A 20 -20.06 7.98 8.38
N VAL A 21 -18.93 7.50 8.89
CA VAL A 21 -18.19 6.46 8.19
C VAL A 21 -18.99 5.18 8.26
N ALA A 22 -19.54 4.91 9.44
CA ALA A 22 -20.34 3.70 9.66
C ALA A 22 -21.54 3.57 8.73
N GLU A 23 -22.13 4.68 8.32
CA GLU A 23 -23.29 4.67 7.41
C GLU A 23 -22.87 4.08 6.07
N VAL A 24 -22.02 4.80 5.37
CA VAL A 24 -21.58 4.45 4.03
C VAL A 24 -20.89 3.08 3.95
N ALA A 25 -20.32 2.62 5.05
CA ALA A 25 -19.57 1.37 5.08
C ALA A 25 -20.32 0.27 5.84
N GLN A 26 -19.96 -1.00 5.63
CA GLN A 26 -20.58 -2.13 6.34
C GLN A 26 -20.47 -1.98 7.87
N ILE A 27 -19.22 -1.93 8.36
CA ILE A 27 -18.79 -1.50 9.72
C ILE A 27 -19.77 -0.82 10.73
N SER A 28 -19.71 -1.29 11.97
CA SER A 28 -20.38 -0.62 13.08
C SER A 28 -19.51 0.46 13.75
N VAL A 29 -20.16 1.44 14.40
CA VAL A 29 -19.45 2.47 15.18
C VAL A 29 -18.61 1.85 16.32
N PRO A 30 -19.18 0.90 17.13
CA PRO A 30 -18.31 0.27 18.10
C PRO A 30 -17.10 -0.46 17.49
N TYR A 31 -17.28 -1.06 16.31
CA TYR A 31 -16.18 -1.76 15.60
C TYR A 31 -15.10 -0.85 15.04
N LEU A 32 -15.51 0.23 14.35
CA LEU A 32 -14.59 1.21 13.80
C LEU A 32 -13.80 1.84 14.93
N SER A 33 -14.47 2.10 16.05
CA SER A 33 -13.78 2.58 17.26
C SER A 33 -12.67 1.63 17.74
N ASP A 34 -12.97 0.33 17.77
CA ASP A 34 -11.98 -0.71 18.10
C ASP A 34 -10.78 -0.74 17.15
N LEU A 35 -11.05 -0.62 15.85
CA LEU A 35 -9.97 -0.55 14.87
C LEU A 35 -9.13 0.71 14.95
N GLU A 36 -9.77 1.83 15.31
CA GLU A 36 -9.06 3.10 15.42
C GLU A 36 -8.24 3.18 16.69
N ARG A 37 -8.56 2.30 17.64
CA ARG A 37 -7.83 2.20 18.90
C ARG A 37 -6.67 1.21 18.82
N GLY A 38 -6.60 0.44 17.75
CA GLY A 38 -5.57 -0.61 17.63
C GLY A 38 -5.74 -1.76 18.61
N ARG A 39 -6.98 -2.18 18.81
CA ARG A 39 -7.24 -3.29 19.71
C ARG A 39 -7.17 -4.57 18.93
N THR A 40 -7.73 -4.52 17.73
CA THR A 40 -7.89 -5.67 16.87
C THR A 40 -7.53 -5.21 15.48
N ASN A 41 -6.98 -6.11 14.68
CA ASN A 41 -6.44 -5.78 13.35
C ASN A 41 -7.38 -6.10 12.18
N PRO A 42 -7.55 -5.14 11.27
CA PRO A 42 -8.50 -5.40 10.21
C PRO A 42 -7.94 -6.40 9.21
N SER A 43 -8.83 -7.03 8.48
CA SER A 43 -8.45 -7.80 7.30
C SER A 43 -8.18 -6.84 6.15
N LEU A 44 -7.69 -7.37 5.04
CA LEU A 44 -7.65 -6.59 3.82
C LEU A 44 -9.05 -6.25 3.33
N GLU A 45 -10.02 -7.06 3.75
CA GLU A 45 -11.42 -6.80 3.44
C GLU A 45 -11.88 -5.47 4.06
N THR A 46 -11.80 -5.40 5.38
CA THR A 46 -12.09 -4.20 6.14
C THR A 46 -11.41 -2.95 5.54
N LEU A 47 -10.14 -3.11 5.15
CA LEU A 47 -9.41 -2.00 4.59
C LEU A 47 -9.99 -1.56 3.27
N GLN A 48 -10.40 -2.47 2.38
CA GLN A 48 -11.13 -2.02 1.18
C GLN A 48 -12.30 -1.15 1.58
N THR A 49 -13.15 -1.66 2.47
CA THR A 49 -14.34 -0.97 2.98
C THR A 49 -14.00 0.46 3.41
N LEU A 50 -12.91 0.61 4.19
CA LEU A 50 -12.50 1.93 4.70
C LEU A 50 -11.86 2.78 3.63
N ALA A 51 -11.03 2.18 2.77
CA ALA A 51 -10.56 2.84 1.55
C ALA A 51 -11.80 3.36 0.83
N GLY A 52 -12.78 2.47 0.65
CA GLY A 52 -14.10 2.73 0.08
C GLY A 52 -14.77 3.95 0.67
N ALA A 53 -14.86 3.96 2.01
CA ALA A 53 -15.41 5.12 2.74
C ALA A 53 -14.67 6.42 2.51
N TYR A 54 -13.45 6.36 1.99
CA TYR A 54 -12.55 7.47 2.17
C TYR A 54 -12.11 8.46 1.04
N ASN A 55 -12.56 8.45 -0.20
CA ASN A 55 -12.56 7.41 -1.17
C ASN A 55 -11.10 7.40 -1.53
N ILE A 56 -10.35 6.45 -1.02
CA ILE A 56 -8.95 6.32 -1.40
C ILE A 56 -8.69 4.89 -1.84
N THR A 57 -7.48 4.62 -2.30
CA THR A 57 -7.20 3.27 -2.66
C THR A 57 -6.59 2.54 -1.44
N VAL A 58 -6.68 1.20 -1.35
CA VAL A 58 -6.05 0.47 -0.22
C VAL A 58 -4.54 0.80 -0.14
N HIS A 59 -3.91 0.90 -1.31
CA HIS A 59 -2.50 1.29 -1.47
C HIS A 59 -2.23 2.65 -0.85
N ASP A 60 -3.13 3.60 -1.12
CA ASP A 60 -2.96 4.97 -0.65
C ASP A 60 -3.30 5.14 0.81
N LEU A 61 -4.16 4.24 1.30
CA LEU A 61 -4.41 4.06 2.74
C LEU A 61 -3.11 3.73 3.50
N LEU A 62 -2.33 2.77 3.00
CA LEU A 62 -1.16 2.32 3.72
C LEU A 62 0.02 3.25 3.54
N GLU A 63 -0.23 4.46 3.00
CA GLU A 63 0.86 5.38 2.57
C GLU A 63 1.82 5.68 3.70
N GLY A 64 1.29 6.17 4.82
CA GLY A 64 2.14 6.48 5.95
C GLY A 64 2.62 5.31 6.79
N VAL A 65 1.92 4.19 6.74
CA VAL A 65 1.93 3.25 7.88
C VAL A 65 3.21 2.45 7.89
N GLU A 66 3.68 2.08 9.08
CA GLU A 66 4.82 1.18 9.20
C GLU A 66 4.51 0.11 10.24
N PHE A 67 5.24 -1.00 10.17
CA PHE A 67 5.05 -2.16 11.03
C PHE A 67 6.41 -2.54 11.67
N GLU A 73 16.43 -10.96 7.24
CA GLU A 73 15.04 -11.32 6.98
C GLU A 73 14.68 -11.32 5.47
N GLY A 74 15.54 -10.77 4.60
CA GLY A 74 15.29 -10.77 3.14
C GLY A 74 15.76 -12.02 2.43
N ALA A 75 15.06 -12.43 1.37
CA ALA A 75 15.41 -13.65 0.65
C ALA A 75 16.61 -13.47 -0.29
N LEU A 76 16.82 -12.25 -0.76
CA LEU A 76 18.03 -11.86 -1.47
C LEU A 76 18.64 -10.63 -0.80
N PRO A 77 19.96 -10.36 -1.00
CA PRO A 77 20.47 -9.05 -0.52
C PRO A 77 19.69 -7.88 -1.14
N LYS A 78 19.43 -6.84 -0.33
CA LYS A 78 18.65 -5.64 -0.74
C LYS A 78 18.93 -5.17 -2.16
N GLY A 79 20.21 -4.92 -2.47
CA GLY A 79 20.62 -4.52 -3.82
C GLY A 79 20.31 -5.51 -4.94
N LEU A 80 20.56 -6.80 -4.69
CA LEU A 80 20.34 -7.83 -5.70
C LEU A 80 18.85 -7.96 -5.94
N SER A 81 18.07 -7.84 -4.86
CA SER A 81 16.61 -7.85 -4.94
C SER A 81 16.15 -6.76 -5.91
N ASP A 82 16.56 -5.51 -5.68
CA ASP A 82 16.25 -4.35 -6.52
C ASP A 82 16.67 -4.46 -7.98
N LEU A 83 17.74 -5.18 -8.28
CA LEU A 83 18.14 -5.29 -9.66
C LEU A 83 17.14 -6.17 -10.42
N ALA A 85 14.03 -6.67 -9.51
CA ALA A 85 12.71 -6.06 -9.49
C ALA A 85 12.62 -5.12 -10.70
N ASP A 86 13.66 -4.31 -10.87
CA ASP A 86 13.78 -3.41 -12.02
C ASP A 86 13.72 -4.16 -13.38
N PRO A 87 12.67 -3.85 -14.20
CA PRO A 87 12.40 -4.55 -15.45
C PRO A 87 13.35 -4.11 -16.57
N THR A 88 13.72 -2.84 -16.56
CA THR A 88 14.60 -2.23 -17.54
C THR A 88 16.03 -2.78 -17.45
N LEU A 89 16.50 -3.09 -16.23
CA LEU A 89 17.88 -3.52 -15.93
C LEU A 89 18.05 -5.05 -15.75
N GLY A 90 17.13 -5.67 -15.00
CA GLY A 90 17.03 -7.13 -14.86
C GLY A 90 17.14 -8.02 -16.12
N PRO A 91 16.57 -7.61 -17.30
CA PRO A 91 15.92 -8.54 -18.25
C PRO A 91 16.38 -9.97 -18.16
N GLN A 92 17.54 -10.20 -18.78
CA GLN A 92 18.05 -11.52 -19.09
C GLN A 92 18.75 -12.27 -17.92
N ILE A 93 18.76 -11.70 -16.71
CA ILE A 93 19.36 -12.42 -15.56
C ILE A 93 18.46 -13.57 -15.13
N THR A 94 19.04 -14.76 -15.09
CA THR A 94 18.32 -15.98 -14.84
C THR A 94 18.36 -16.37 -13.36
N PRO A 95 17.40 -17.22 -12.94
CA PRO A 95 17.39 -17.54 -11.50
C PRO A 95 18.66 -18.32 -11.03
N ASP A 96 19.23 -19.15 -11.90
CA ASP A 96 20.58 -19.72 -11.66
C ASP A 96 21.62 -18.65 -11.30
N TRP A 97 21.56 -17.49 -11.96
CA TRP A 97 22.53 -16.40 -11.76
C TRP A 97 22.28 -15.65 -10.48
N VAL A 98 21.00 -15.52 -10.15
CA VAL A 98 20.58 -14.96 -8.88
C VAL A 98 21.17 -15.79 -7.75
N ARG A 99 21.01 -17.12 -7.79
CA ARG A 99 21.65 -17.98 -6.79
C ARG A 99 23.18 -17.73 -6.77
N THR A 100 23.79 -17.71 -7.95
CA THR A 100 25.22 -17.45 -8.05
C THR A 100 25.64 -16.14 -7.40
N LEU A 101 24.87 -15.09 -7.63
CA LEU A 101 25.20 -13.75 -7.14
C LEU A 101 24.93 -13.51 -5.65
N SER A 102 24.02 -14.28 -5.06
CA SER A 102 23.69 -14.14 -3.64
C SER A 102 24.82 -14.62 -2.74
N ARG A 103 25.65 -15.53 -3.25
CA ARG A 103 26.77 -16.05 -2.47
C ARG A 103 28.01 -15.11 -2.40
N ILE A 104 27.92 -13.94 -3.02
CA ILE A 104 29.03 -12.99 -3.02
C ILE A 104 28.90 -12.10 -1.76
N GLU A 105 29.88 -12.23 -0.88
CA GLU A 105 29.86 -11.63 0.45
C GLU A 105 31.26 -11.73 1.01
N LEU A 106 31.77 -10.64 1.61
CA LEU A 106 33.00 -10.72 2.38
C LEU A 106 32.74 -10.44 3.84
N ARG A 107 32.79 -11.52 4.62
CA ARG A 107 32.26 -11.55 6.01
C ARG A 107 31.48 -10.27 6.31
N GLY A 108 30.25 -10.22 5.80
CA GLY A 108 29.37 -9.07 6.03
C GLY A 108 29.16 -8.19 4.82
N LYS A 109 30.23 -7.59 4.31
CA LYS A 109 30.14 -6.62 3.21
C LYS A 109 29.64 -7.24 1.91
N ARG A 110 28.79 -6.47 1.23
CA ARG A 110 28.20 -6.85 -0.03
C ARG A 110 28.27 -5.66 -0.96
N PRO A 111 27.95 -5.85 -2.24
CA PRO A 111 27.69 -4.69 -3.05
C PRO A 111 26.41 -3.95 -2.58
N ARG A 112 26.44 -2.62 -2.66
CA ARG A 112 25.35 -1.76 -2.18
C ARG A 112 24.15 -1.83 -3.15
N ASP A 113 24.19 -1.05 -4.24
CA ASP A 113 23.04 -0.78 -5.12
C ASP A 113 22.86 -1.73 -6.31
N LYS A 114 21.72 -1.63 -7.00
CA LYS A 114 21.45 -2.36 -8.25
C LYS A 114 22.63 -2.41 -9.20
N GLN A 115 23.28 -1.25 -9.38
CA GLN A 115 24.34 -1.11 -10.41
C GLN A 115 25.65 -1.76 -9.97
N ASP A 116 26.06 -1.54 -8.71
CA ASP A 116 27.07 -2.38 -8.06
C ASP A 116 26.89 -3.89 -8.43
N TRP A 117 25.66 -4.40 -8.33
CA TRP A 117 25.34 -5.80 -8.61
C TRP A 117 25.41 -6.13 -10.08
N TYR A 118 24.97 -5.18 -10.89
CA TYR A 118 24.96 -5.38 -12.33
C TYR A 118 26.40 -5.36 -12.88
N GLU A 119 27.25 -4.59 -12.21
CA GLU A 119 28.66 -4.45 -12.56
C GLU A 119 29.28 -5.82 -12.54
N ILE A 120 29.03 -6.54 -11.45
CA ILE A 120 29.62 -7.84 -11.20
C ILE A 120 29.01 -8.84 -12.13
N TYR A 121 27.69 -8.84 -12.20
CA TYR A 121 26.99 -9.82 -13.01
C TYR A 121 27.60 -9.89 -14.41
N LEU A 122 27.79 -8.71 -15.02
CA LEU A 122 28.30 -8.61 -16.38
C LEU A 122 29.73 -9.11 -16.52
N HIS A 123 30.60 -8.71 -15.58
CA HIS A 123 31.97 -9.21 -15.57
C HIS A 123 31.95 -10.73 -15.48
N LEU A 124 31.24 -11.29 -14.48
CA LEU A 124 31.26 -12.74 -14.25
C LEU A 124 30.61 -13.50 -15.36
N LYS A 125 29.55 -12.90 -15.91
CA LYS A 125 28.84 -13.48 -17.04
C LYS A 125 29.85 -13.83 -18.13
N ARG A 126 30.75 -12.89 -18.46
CA ARG A 126 31.83 -13.14 -19.41
C ARG A 126 32.72 -14.28 -18.99
N ILE A 127 33.17 -14.27 -17.73
CA ILE A 127 34.14 -15.25 -17.24
C ILE A 127 33.53 -16.66 -17.21
N LEU A 128 32.28 -16.78 -16.78
CA LEU A 128 31.61 -18.08 -16.79
C LEU A 128 30.58 -18.13 -17.92
N LYS B 2 -6.40 -10.16 -8.26
CA LYS B 2 -5.12 -9.44 -8.56
C LYS B 2 -4.16 -9.29 -7.39
N LEU B 3 -4.50 -9.66 -6.14
CA LEU B 3 -3.45 -9.63 -5.10
C LEU B 3 -2.51 -10.84 -5.18
N HIS B 4 -3.09 -12.05 -5.24
CA HIS B 4 -2.32 -13.25 -5.51
C HIS B 4 -1.44 -13.15 -6.80
N GLU B 5 -1.91 -12.47 -7.86
CA GLU B 5 -1.09 -12.37 -9.04
C GLU B 5 0.12 -11.53 -8.73
N ARG B 6 -0.07 -10.49 -7.94
CA ARG B 6 1.03 -9.66 -7.48
C ARG B 6 2.01 -10.44 -6.59
N LEU B 7 1.51 -11.22 -5.64
CA LEU B 7 2.41 -12.06 -4.87
C LEU B 7 3.27 -13.06 -5.68
N ARG B 8 2.76 -13.55 -6.82
CA ARG B 8 3.49 -14.50 -7.70
C ARG B 8 4.56 -13.84 -8.59
N GLU B 9 4.19 -12.72 -9.21
CA GLU B 9 5.11 -11.81 -9.92
C GLU B 9 6.28 -11.40 -9.06
N LEU B 10 6.01 -10.93 -7.83
CA LEU B 10 7.05 -10.44 -6.91
C LEU B 10 8.16 -11.46 -6.68
N ARG B 11 7.76 -12.70 -6.43
CA ARG B 11 8.67 -13.82 -6.42
C ARG B 11 9.35 -14.08 -7.78
N SER B 12 8.61 -14.08 -8.87
CA SER B 12 9.21 -14.40 -10.15
C SER B 12 10.21 -13.35 -10.67
N GLU B 13 9.82 -12.07 -10.64
CA GLU B 13 10.71 -10.94 -10.85
C GLU B 13 12.03 -11.23 -10.18
N ARG B 14 11.97 -11.71 -8.95
CA ARG B 14 13.14 -11.95 -8.13
C ARG B 14 13.82 -13.31 -8.36
N GLY B 15 13.32 -14.11 -9.29
CA GLY B 15 13.88 -15.43 -9.64
C GLY B 15 14.04 -16.34 -8.44
N LEU B 16 13.01 -16.34 -7.61
CA LEU B 16 12.99 -17.02 -6.33
C LEU B 16 12.06 -18.23 -6.39
N ARG B 17 12.46 -19.32 -5.75
CA ARG B 17 11.57 -20.50 -5.60
C ARG B 17 10.79 -20.44 -4.31
N LEU B 18 9.60 -21.03 -4.33
CA LEU B 18 8.74 -21.01 -3.18
C LEU B 18 9.52 -21.29 -1.89
N LYS B 19 10.33 -22.37 -1.88
CA LYS B 19 11.27 -22.75 -0.74
C LYS B 19 12.23 -21.63 -0.25
N ASP B 20 12.80 -20.85 -1.18
CA ASP B 20 13.67 -19.72 -0.86
C ASP B 20 12.92 -18.74 0.04
N VAL B 21 11.67 -18.42 -0.34
CA VAL B 21 10.76 -17.54 0.42
C VAL B 21 10.22 -18.22 1.68
N ALA B 22 9.76 -19.46 1.54
CA ALA B 22 9.37 -20.26 2.71
C ALA B 22 10.46 -20.28 3.81
N GLU B 23 11.72 -20.32 3.41
CA GLU B 23 12.80 -20.40 4.36
C GLU B 23 12.93 -19.11 5.21
N VAL B 24 12.90 -17.94 4.60
CA VAL B 24 13.12 -16.71 5.37
C VAL B 24 11.88 -16.24 6.12
N ALA B 25 10.70 -16.58 5.61
CA ALA B 25 9.44 -16.13 6.21
C ALA B 25 8.82 -17.24 7.05
N GLN B 26 7.95 -16.93 8.02
CA GLN B 26 7.42 -18.03 8.88
C GLN B 26 6.84 -19.16 8.04
N ILE B 27 5.88 -18.81 7.19
CA ILE B 27 5.29 -19.56 6.07
C ILE B 27 5.99 -20.84 5.49
N SER B 28 5.18 -21.85 5.17
CA SER B 28 5.59 -23.07 4.45
C SER B 28 5.30 -22.97 2.94
N VAL B 29 5.83 -23.91 2.15
CA VAL B 29 5.58 -23.92 0.69
C VAL B 29 4.08 -24.03 0.34
N PRO B 30 3.40 -25.17 0.71
CA PRO B 30 1.98 -25.36 0.34
C PRO B 30 1.09 -24.16 0.69
N TYR B 31 1.29 -23.57 1.86
CA TYR B 31 0.56 -22.38 2.23
C TYR B 31 0.96 -21.14 1.36
N LEU B 32 2.25 -20.95 1.07
CA LEU B 32 2.66 -19.81 0.21
C LEU B 32 2.12 -19.98 -1.20
N SER B 33 2.02 -21.23 -1.61
CA SER B 33 1.44 -21.63 -2.89
C SER B 33 -0.06 -21.36 -2.90
N ASP B 34 -0.74 -21.62 -1.78
CA ASP B 34 -2.18 -21.30 -1.67
C ASP B 34 -2.48 -19.81 -1.77
N LEU B 35 -1.59 -18.99 -1.18
CA LEU B 35 -1.69 -17.54 -1.19
C LEU B 35 -1.48 -17.03 -2.59
N GLU B 36 -0.48 -17.60 -3.28
CA GLU B 36 -0.20 -17.24 -4.66
C GLU B 36 -1.27 -17.72 -5.59
N ARG B 37 -1.88 -18.87 -5.29
CA ARG B 37 -2.98 -19.37 -6.10
C ARG B 37 -4.28 -18.61 -5.90
N GLY B 38 -4.44 -18.00 -4.73
CA GLY B 38 -5.63 -17.24 -4.36
C GLY B 38 -6.57 -18.02 -3.47
N ARG B 39 -6.20 -19.27 -3.15
CA ARG B 39 -7.09 -20.18 -2.44
C ARG B 39 -7.48 -19.52 -1.14
N THR B 40 -6.67 -18.56 -0.69
CA THR B 40 -6.88 -17.89 0.59
C THR B 40 -6.29 -16.51 0.67
N ASN B 41 -6.99 -15.64 1.39
CA ASN B 41 -6.58 -14.26 1.57
C ASN B 41 -5.54 -14.10 2.70
N PRO B 42 -4.42 -13.37 2.45
CA PRO B 42 -3.44 -13.22 3.53
C PRO B 42 -3.86 -12.24 4.61
N SER B 43 -3.49 -12.54 5.85
CA SER B 43 -3.59 -11.53 6.88
C SER B 43 -2.57 -10.40 6.65
N LEU B 44 -2.83 -9.25 7.26
CA LEU B 44 -1.97 -8.07 7.16
C LEU B 44 -0.57 -8.39 7.69
N GLU B 45 -0.56 -9.22 8.72
CA GLU B 45 0.64 -9.71 9.35
C GLU B 45 1.45 -10.63 8.43
N THR B 46 0.76 -11.51 7.69
CA THR B 46 1.41 -12.35 6.67
C THR B 46 2.01 -11.53 5.56
N LEU B 47 1.24 -10.58 5.03
CA LEU B 47 1.75 -9.67 4.05
C LEU B 47 3.03 -9.00 4.54
N GLN B 48 3.05 -8.62 5.82
CA GLN B 48 4.19 -7.96 6.43
C GLN B 48 5.42 -8.84 6.27
N THR B 49 5.28 -10.13 6.54
CA THR B 49 6.36 -11.09 6.38
C THR B 49 6.86 -11.16 4.96
N LEU B 50 5.95 -11.25 4.00
CA LEU B 50 6.32 -11.38 2.57
C LEU B 50 7.01 -10.14 2.05
N ALA B 51 6.43 -8.98 2.34
CA ALA B 51 7.01 -7.70 2.01
C ALA B 51 8.45 -7.70 2.53
N GLY B 52 8.62 -8.25 3.74
CA GLY B 52 9.90 -8.36 4.43
C GLY B 52 10.85 -9.18 3.60
N ALA B 53 10.37 -10.36 3.22
CA ALA B 53 11.12 -11.29 2.38
C ALA B 53 11.42 -10.75 0.97
N TYR B 54 10.98 -9.55 0.63
CA TYR B 54 10.99 -9.18 -0.77
C TYR B 54 11.88 -8.03 -1.36
N ASN B 55 12.77 -7.33 -0.66
CA ASN B 55 12.60 -6.64 0.57
C ASN B 55 11.91 -5.37 0.01
N ILE B 56 10.63 -5.23 0.33
CA ILE B 56 9.91 -4.00 0.05
C ILE B 56 9.00 -3.71 1.23
N THR B 57 8.32 -2.57 1.15
CA THR B 57 7.39 -2.13 2.18
C THR B 57 6.06 -2.77 1.80
N VAL B 58 5.23 -3.10 2.79
CA VAL B 58 3.84 -3.47 2.54
C VAL B 58 3.21 -2.48 1.54
N HIS B 59 3.36 -1.18 1.79
CA HIS B 59 2.86 -0.15 0.90
C HIS B 59 3.20 -0.43 -0.57
N ASP B 60 4.47 -0.65 -0.83
CA ASP B 60 4.90 -0.90 -2.19
C ASP B 60 4.31 -2.19 -2.75
N LEU B 61 4.25 -3.22 -1.91
CA LEU B 61 3.65 -4.49 -2.30
C LEU B 61 2.22 -4.33 -2.87
N LEU B 62 1.44 -3.38 -2.34
CA LEU B 62 0.05 -3.16 -2.77
C LEU B 62 -0.11 -2.24 -3.98
N GLU B 63 0.99 -1.70 -4.51
CA GLU B 63 0.93 -0.86 -5.70
C GLU B 63 0.42 -1.64 -6.92
N GLY B 64 -0.68 -1.18 -7.47
CA GLY B 64 -1.32 -1.83 -8.60
C GLY B 64 -2.36 -2.89 -8.24
N VAL B 65 -2.44 -3.27 -6.96
CA VAL B 65 -3.36 -4.33 -6.61
C VAL B 65 -4.65 -3.61 -6.35
N GLU B 66 -5.73 -4.07 -6.96
CA GLU B 66 -7.07 -3.51 -6.71
C GLU B 66 -7.98 -4.63 -6.20
N PHE B 67 -9.15 -4.26 -5.69
CA PHE B 67 -10.06 -5.19 -5.03
C PHE B 67 -11.52 -4.98 -5.54
N GLU B 73 -19.04 3.41 -1.97
CA GLU B 73 -19.56 4.80 -2.00
C GLU B 73 -19.12 5.60 -0.78
N GLY B 74 -18.18 6.50 -0.98
CA GLY B 74 -17.49 7.17 0.13
C GLY B 74 -18.27 8.22 0.87
N ALA B 75 -17.73 8.66 2.01
CA ALA B 75 -18.44 9.50 3.00
C ALA B 75 -18.39 11.01 2.71
N LEU B 76 -17.65 11.42 1.69
CA LEU B 76 -17.72 12.78 1.17
C LEU B 76 -18.13 12.71 -0.27
N PRO B 77 -18.72 13.78 -0.81
CA PRO B 77 -18.84 13.86 -2.26
C PRO B 77 -17.46 13.68 -2.90
N LYS B 78 -17.36 12.86 -3.95
CA LYS B 78 -16.07 12.55 -4.61
C LYS B 78 -15.27 13.82 -4.91
N GLY B 79 -15.90 14.76 -5.59
CA GLY B 79 -15.32 16.08 -5.89
C GLY B 79 -14.66 16.79 -4.71
N LEU B 80 -15.26 16.72 -3.53
CA LEU B 80 -14.65 17.29 -2.34
C LEU B 80 -13.37 16.52 -1.97
N SER B 81 -13.48 15.20 -1.95
CA SER B 81 -12.37 14.29 -1.69
C SER B 81 -11.24 14.53 -2.70
N ASP B 82 -11.64 14.90 -3.92
CA ASP B 82 -10.71 15.14 -5.03
C ASP B 82 -9.95 16.43 -4.88
N LEU B 83 -10.57 17.43 -4.25
CA LEU B 83 -9.93 18.71 -3.97
C LEU B 83 -8.93 18.53 -2.85
N ALA B 85 -7.41 15.75 -2.13
CA ALA B 85 -6.36 14.94 -2.78
C ALA B 85 -5.31 15.80 -3.45
N ASP B 86 -5.76 16.73 -4.29
CA ASP B 86 -4.92 17.69 -5.00
C ASP B 86 -3.74 18.24 -4.18
N PRO B 87 -2.50 18.11 -4.74
CA PRO B 87 -1.28 18.52 -4.05
C PRO B 87 -1.19 20.02 -3.76
N THR B 88 -1.55 20.86 -4.75
CA THR B 88 -1.46 22.31 -4.58
C THR B 88 -2.60 22.76 -3.69
N LEU B 89 -3.81 22.42 -4.12
CA LEU B 89 -5.05 22.96 -3.57
C LEU B 89 -5.38 22.38 -2.18
N GLY B 90 -5.29 21.04 -2.05
CA GLY B 90 -5.52 20.30 -0.78
C GLY B 90 -5.10 20.96 0.53
N PRO B 91 -3.78 20.99 0.85
CA PRO B 91 -3.19 21.65 2.03
C PRO B 91 -3.96 22.74 2.81
N GLN B 92 -4.53 23.75 2.15
CA GLN B 92 -5.20 24.86 2.87
C GLN B 92 -6.58 24.51 3.48
N ILE B 93 -7.15 23.38 3.06
CA ILE B 93 -8.46 22.99 3.55
C ILE B 93 -8.29 22.30 4.90
N THR B 94 -8.61 23.03 5.97
CA THR B 94 -8.68 22.51 7.35
C THR B 94 -9.81 21.47 7.44
N PRO B 95 -9.70 20.52 8.40
CA PRO B 95 -10.82 19.65 8.69
C PRO B 95 -12.18 20.33 8.90
N ASP B 96 -12.20 21.53 9.49
CA ASP B 96 -13.47 22.24 9.74
C ASP B 96 -14.07 22.71 8.44
N TRP B 97 -13.20 23.20 7.57
CA TRP B 97 -13.59 23.59 6.23
C TRP B 97 -14.17 22.47 5.41
N VAL B 98 -13.58 21.27 5.49
CA VAL B 98 -14.17 20.09 4.86
C VAL B 98 -15.59 19.87 5.39
N ARG B 99 -15.76 19.77 6.71
CA ARG B 99 -17.09 19.54 7.30
C ARG B 99 -18.10 20.60 6.90
N THR B 100 -17.67 21.88 6.95
CA THR B 100 -18.49 23.03 6.51
C THR B 100 -18.95 22.86 5.05
N LEU B 101 -18.00 22.62 4.15
CA LEU B 101 -18.31 22.44 2.75
C LEU B 101 -19.13 21.21 2.45
N SER B 102 -19.03 20.16 3.27
CA SER B 102 -19.75 18.89 3.02
C SER B 102 -21.20 19.02 3.23
N ARG B 103 -21.67 20.15 3.79
CA ARG B 103 -23.10 20.35 4.12
C ARG B 103 -23.91 21.00 2.96
N ILE B 104 -23.16 21.47 1.96
CA ILE B 104 -23.68 22.20 0.81
C ILE B 104 -24.37 21.27 -0.19
N GLU B 105 -25.70 21.27 -0.14
CA GLU B 105 -26.53 20.48 -1.03
C GLU B 105 -27.83 21.19 -1.23
N LEU B 106 -28.42 20.96 -2.40
CA LEU B 106 -29.79 21.32 -2.67
C LEU B 106 -30.46 20.05 -3.08
N ARG B 107 -31.20 19.47 -2.15
CA ARG B 107 -31.74 18.11 -2.27
C ARG B 107 -30.97 17.25 -3.31
N GLY B 108 -29.79 16.78 -2.88
CA GLY B 108 -28.93 15.92 -3.70
C GLY B 108 -27.94 16.62 -4.64
N LYS B 109 -28.31 17.81 -5.12
CA LYS B 109 -27.45 18.63 -5.99
C LYS B 109 -26.24 19.19 -5.20
N ARG B 110 -25.04 19.06 -5.79
CA ARG B 110 -23.74 19.39 -5.18
C ARG B 110 -22.78 19.99 -6.20
N PRO B 111 -21.81 20.84 -5.76
CA PRO B 111 -20.79 21.25 -6.74
C PRO B 111 -20.05 19.99 -7.19
N ARG B 112 -19.93 19.82 -8.50
CA ARG B 112 -19.52 18.53 -9.10
C ARG B 112 -18.00 18.35 -9.10
N ASP B 113 -17.34 18.93 -10.10
CA ASP B 113 -15.90 18.87 -10.25
C ASP B 113 -15.13 19.48 -9.06
N LYS B 114 -13.86 19.14 -8.91
CA LYS B 114 -12.97 19.74 -7.89
C LYS B 114 -12.95 21.28 -7.88
N GLN B 115 -12.77 21.91 -9.05
CA GLN B 115 -12.75 23.38 -9.22
C GLN B 115 -14.00 24.08 -8.72
N ASP B 116 -15.13 23.39 -8.79
CA ASP B 116 -16.41 23.90 -8.35
C ASP B 116 -16.42 24.03 -6.85
N TRP B 117 -15.80 23.06 -6.16
CA TRP B 117 -15.63 23.13 -4.71
C TRP B 117 -14.67 24.24 -4.32
N TYR B 118 -13.52 24.28 -4.98
CA TYR B 118 -12.52 25.29 -4.66
C TYR B 118 -13.11 26.68 -4.76
N GLU B 119 -13.86 26.92 -5.84
CA GLU B 119 -14.51 28.20 -6.12
C GLU B 119 -15.35 28.68 -4.94
N ILE B 120 -16.12 27.76 -4.36
CA ILE B 120 -17.05 28.11 -3.30
C ILE B 120 -16.32 28.23 -1.97
N TYR B 121 -15.31 27.38 -1.78
CA TYR B 121 -14.49 27.47 -0.58
C TYR B 121 -13.83 28.83 -0.48
N LEU B 122 -13.37 29.34 -1.62
CA LEU B 122 -12.67 30.61 -1.69
C LEU B 122 -13.59 31.74 -1.28
N HIS B 123 -14.79 31.73 -1.87
CA HIS B 123 -15.79 32.75 -1.58
C HIS B 123 -16.19 32.70 -0.12
N LEU B 124 -16.60 31.51 0.34
CA LEU B 124 -17.03 31.34 1.73
C LEU B 124 -15.98 31.77 2.68
N LYS B 125 -14.75 31.26 2.49
CA LYS B 125 -13.61 31.64 3.34
C LYS B 125 -13.61 33.13 3.60
N ARG B 126 -13.76 33.89 2.53
CA ARG B 126 -13.83 35.35 2.57
C ARG B 126 -15.04 35.88 3.35
N ILE B 127 -16.21 35.23 3.27
CA ILE B 127 -17.37 35.69 4.04
C ILE B 127 -17.19 35.29 5.50
N LEU B 128 -16.58 34.15 5.77
CA LEU B 128 -16.31 33.68 7.15
C LEU B 128 -14.81 33.66 7.46
#